data_7HJH
#
_entry.id   7HJH
#
_cell.length_a   26.117
_cell.length_b   47.089
_cell.length_c   46.431
_cell.angle_alpha   90.000
_cell.angle_beta   103.060
_cell.angle_gamma   90.000
#
_symmetry.space_group_name_H-M   'P 1 21 1'
#
loop_
_entity.id
_entity.type
_entity.pdbx_description
1 polymer 'De novo designed ABLE protein'
2 non-polymer '1-methyl-5-phenyl-1H-pyrazole-4-carboxylic acid'
3 water water
#
_entity_poly.entity_id   1
_entity_poly.type   'polypeptide(L)'
_entity_poly.pdbx_seq_one_letter_code
;SVKSEYAEAAAVGQEAVAVFNTMKAAFQNGDKEAVAQYLARLASLYTRHEELLNRILEKARREGNKEAVTLMNEFTATFQ
TGKSIFNAMVAAFKNGDDDSFESYLQALEKVTAKGETLADQIAKAL
;
_entity_poly.pdbx_strand_id   A
#
# COMPACT_ATOMS: atom_id res chain seq x y z
N SER A 1 6.81 -19.71 6.58
CA SER A 1 5.55 -19.61 7.33
C SER A 1 4.72 -18.42 6.85
N VAL A 2 3.45 -18.42 7.24
N VAL A 2 3.46 -18.39 7.29
CA VAL A 2 2.58 -17.31 6.89
CA VAL A 2 2.60 -17.26 6.98
C VAL A 2 3.05 -16.03 7.57
C VAL A 2 3.23 -15.96 7.48
N LYS A 3 3.62 -16.15 8.78
N LYS A 3 4.05 -16.04 8.53
CA LYS A 3 4.12 -14.99 9.48
CA LYS A 3 4.69 -14.84 9.07
C LYS A 3 5.31 -14.36 8.75
C LYS A 3 5.75 -14.29 8.13
N SER A 4 6.24 -15.19 8.28
N SER A 4 6.51 -15.18 7.46
CA SER A 4 7.35 -14.66 7.50
CA SER A 4 7.55 -14.72 6.54
C SER A 4 6.88 -14.17 6.14
C SER A 4 6.94 -14.14 5.27
N GLU A 5 5.89 -14.84 5.55
N GLU A 5 5.76 -14.60 4.88
CA GLU A 5 5.30 -14.34 4.32
CA GLU A 5 5.05 -13.96 3.78
C GLU A 5 4.68 -12.95 4.55
C GLU A 5 4.56 -12.58 4.20
N TYR A 6 4.17 -12.68 5.74
N TYR A 6 4.02 -12.46 5.42
CA TYR A 6 3.60 -11.36 6.00
CA TYR A 6 3.59 -11.14 5.89
C TYR A 6 4.69 -10.30 6.10
C TYR A 6 4.79 -10.21 6.10
N ALA A 7 5.81 -10.63 6.76
N ALA A 7 5.98 -10.76 6.36
CA ALA A 7 6.91 -9.67 6.87
CA ALA A 7 7.17 -9.91 6.38
C ALA A 7 7.48 -9.31 5.49
C ALA A 7 7.53 -9.43 4.99
N GLU A 8 7.49 -10.27 4.56
N GLU A 8 7.29 -10.25 3.96
CA GLU A 8 7.88 -9.99 3.20
CA GLU A 8 7.51 -9.81 2.58
C GLU A 8 6.86 -9.06 2.53
C GLU A 8 6.49 -8.77 2.14
N ALA A 9 5.58 -9.39 2.68
N ALA A 9 5.34 -8.70 2.81
CA ALA A 9 4.54 -8.48 2.22
CA ALA A 9 4.33 -7.72 2.48
C ALA A 9 4.70 -7.11 2.87
C ALA A 9 4.54 -6.40 3.22
N ALA A 10 5.03 -7.08 4.16
N ALA A 10 5.04 -6.45 4.45
CA ALA A 10 5.21 -5.78 4.83
CA ALA A 10 5.36 -5.20 5.14
C ALA A 10 6.35 -4.99 4.17
C ALA A 10 6.52 -4.49 4.48
N ALA A 11 7.42 -5.67 3.79
N ALA A 11 7.48 -5.25 3.93
CA ALA A 11 8.54 -4.95 3.18
CA ALA A 11 8.57 -4.62 3.18
C ALA A 11 8.16 -4.38 1.82
C ALA A 11 8.04 -3.91 1.94
N VAL A 12 7.39 -5.12 1.02
N VAL A 12 7.17 -4.56 1.18
CA VAL A 12 6.92 -4.59 -0.25
CA VAL A 12 6.59 -3.94 -0.01
C VAL A 12 6.06 -3.34 -0.02
C VAL A 12 5.75 -2.74 0.40
N GLY A 13 5.17 -3.38 0.97
N GLY A 13 5.08 -2.82 1.55
CA GLY A 13 4.40 -2.19 1.29
CA GLY A 13 4.46 -1.63 2.10
C GLY A 13 5.28 -1.01 1.65
C GLY A 13 5.46 -0.51 2.34
N GLN A 14 6.35 -1.24 2.42
N GLN A 14 6.60 -0.84 2.96
CA GLN A 14 7.27 -0.14 2.75
CA GLN A 14 7.63 0.18 3.18
C GLN A 14 8.06 0.34 1.54
C GLN A 14 8.16 0.73 1.87
N GLU A 15 8.29 -0.51 0.55
N GLU A 15 8.40 -0.14 0.89
CA GLU A 15 8.91 -0.03 -0.69
CA GLU A 15 8.88 0.30 -0.40
C GLU A 15 7.97 0.93 -1.42
C GLU A 15 7.93 1.32 -1.01
N ALA A 16 6.68 0.60 -1.42
N ALA A 16 6.63 1.02 -1.00
CA ALA A 16 5.69 1.51 -1.99
CA ALA A 16 5.66 1.95 -1.59
C ALA A 16 5.61 2.81 -1.19
C ALA A 16 5.75 3.31 -0.91
N VAL A 17 5.77 2.74 0.13
N VAL A 17 5.82 3.33 0.41
CA VAL A 17 5.79 3.97 0.91
CA VAL A 17 6.02 4.58 1.14
C VAL A 17 6.95 4.86 0.48
C VAL A 17 7.23 5.33 0.57
N ALA A 18 8.14 4.27 0.37
N ALA A 18 8.32 4.60 0.31
CA ALA A 18 9.31 5.05 0.03
CA ALA A 18 9.54 5.24 -0.15
C ALA A 18 9.16 5.68 -1.35
C ALA A 18 9.36 5.82 -1.56
N VAL A 19 8.74 4.89 -2.34
N VAL A 19 8.81 5.03 -2.48
CA VAL A 19 8.58 5.42 -3.69
CA VAL A 19 8.64 5.49 -3.85
C VAL A 19 7.52 6.51 -3.72
C VAL A 19 7.56 6.57 -3.92
N PHE A 20 6.45 6.32 -2.96
N PHE A 20 6.55 6.47 -3.05
CA PHE A 20 5.36 7.30 -2.91
CA PHE A 20 5.55 7.53 -2.95
C PHE A 20 5.85 8.66 -2.42
C PHE A 20 6.17 8.85 -2.51
N ASN A 21 6.64 8.66 -1.34
N ASN A 21 7.11 8.79 -1.57
CA ASN A 21 7.15 9.92 -0.82
CA ASN A 21 7.70 10.01 -1.08
C ASN A 21 8.12 10.59 -1.78
C ASN A 21 8.54 10.70 -2.16
N THR A 22 8.92 9.80 -2.50
N THR A 22 9.33 9.94 -2.91
CA THR A 22 9.77 10.37 -3.55
CA THR A 22 10.04 10.55 -4.03
C THR A 22 8.92 10.99 -4.65
C THR A 22 9.06 10.97 -5.14
N MET A 23 7.88 10.28 -5.07
N MET A 23 7.91 10.33 -5.25
CA MET A 23 6.99 10.78 -6.10
CA MET A 23 6.93 10.76 -6.24
C MET A 23 6.35 12.11 -5.68
C MET A 23 6.24 12.05 -5.81
N LYS A 24 5.89 12.19 -4.43
N LYS A 24 5.91 12.14 -4.51
CA LYS A 24 5.28 13.42 -3.94
CA LYS A 24 5.30 13.37 -4.00
C LYS A 24 6.23 14.60 -4.08
C LYS A 24 6.25 14.55 -4.18
N ALA A 25 7.51 14.39 -3.78
CA ALA A 25 8.49 15.46 -3.96
C ALA A 25 8.62 15.86 -5.43
N ALA A 26 8.66 14.88 -6.32
CA ALA A 26 8.75 15.14 -7.76
C ALA A 26 7.52 15.90 -8.25
N PHE A 27 6.32 15.49 -7.82
CA PHE A 27 5.11 16.23 -8.16
C PHE A 27 5.25 17.70 -7.72
N GLN A 28 5.63 17.91 -6.46
CA GLN A 28 5.70 19.30 -6.00
C GLN A 28 6.69 20.08 -6.83
N ASN A 29 7.81 19.45 -7.24
CA ASN A 29 8.84 20.11 -8.05
C ASN A 29 8.47 20.26 -9.52
N GLY A 30 7.36 19.68 -9.97
CA GLY A 30 6.94 19.76 -11.35
C GLY A 30 7.67 18.86 -12.31
N ASP A 31 8.35 17.81 -11.80
CA ASP A 31 9.15 16.87 -12.60
C ASP A 31 8.20 15.74 -13.04
N LYS A 32 7.39 16.05 -14.05
N LYS A 32 7.39 16.05 -14.05
CA LYS A 32 6.31 15.15 -14.46
CA LYS A 32 6.34 15.12 -14.46
C LYS A 32 6.86 13.86 -15.05
C LYS A 32 6.91 13.85 -15.06
N GLU A 33 8.03 13.90 -15.69
N GLU A 33 8.07 13.91 -15.70
CA GLU A 33 8.63 12.67 -16.22
CA GLU A 33 8.69 12.69 -16.23
C GLU A 33 9.00 11.71 -15.10
C GLU A 33 9.01 11.72 -15.10
N ALA A 34 9.53 12.23 -13.99
CA ALA A 34 9.79 11.37 -12.84
C ALA A 34 8.49 10.82 -12.29
N VAL A 35 7.50 11.69 -12.11
CA VAL A 35 6.21 11.23 -11.56
C VAL A 35 5.66 10.07 -12.36
N ALA A 36 5.67 10.17 -13.69
CA ALA A 36 5.14 9.11 -14.52
C ALA A 36 5.83 7.79 -14.22
N GLN A 37 7.14 7.83 -14.11
CA GLN A 37 7.87 6.61 -13.83
C GLN A 37 7.56 6.08 -12.42
N TYR A 38 7.51 6.97 -11.43
CA TYR A 38 7.19 6.52 -10.07
C TYR A 38 5.78 5.94 -10.00
N LEU A 39 4.81 6.53 -10.71
CA LEU A 39 3.46 5.96 -10.71
C LEU A 39 3.45 4.55 -11.31
N ALA A 40 4.21 4.32 -12.38
CA ALA A 40 4.31 2.97 -12.93
C ALA A 40 4.92 2.02 -11.91
N ARG A 41 5.96 2.47 -11.21
CA ARG A 41 6.60 1.63 -10.20
C ARG A 41 5.63 1.31 -9.06
N LEU A 42 4.90 2.32 -8.58
N LEU A 42 4.87 2.32 -8.61
CA LEU A 42 3.91 2.13 -7.53
CA LEU A 42 3.86 2.11 -7.57
C LEU A 42 2.85 1.13 -7.94
C LEU A 42 2.72 1.24 -8.06
N ALA A 43 2.35 1.23 -9.19
N ALA A 43 2.42 1.25 -9.37
CA ALA A 43 1.32 0.28 -9.61
CA ALA A 43 1.35 0.39 -9.86
C ALA A 43 1.82 -1.14 -9.47
C ALA A 43 1.75 -1.07 -9.76
N SER A 44 3.07 -1.37 -9.85
N SER A 44 2.98 -1.39 -10.18
CA SER A 44 3.63 -2.72 -9.74
CA SER A 44 3.47 -2.75 -10.04
C SER A 44 3.79 -3.13 -8.28
C SER A 44 3.50 -3.17 -8.59
N LEU A 45 4.18 -2.20 -7.42
N LEU A 45 4.01 -2.30 -7.71
CA LEU A 45 4.35 -2.52 -6.01
CA LEU A 45 4.09 -2.65 -6.29
C LEU A 45 3.01 -2.82 -5.36
C LEU A 45 2.72 -2.97 -5.72
N TYR A 46 1.98 -2.07 -5.72
N TYR A 46 1.71 -2.13 -6.02
CA TYR A 46 0.66 -2.30 -5.14
CA TYR A 46 0.37 -2.42 -5.53
C TYR A 46 0.07 -3.62 -5.64
C TYR A 46 -0.12 -3.77 -6.05
N THR A 47 0.26 -3.93 -6.92
N THR A 47 0.10 -4.06 -7.33
CA THR A 47 -0.24 -5.22 -7.43
CA THR A 47 -0.26 -5.38 -7.83
C THR A 47 0.42 -6.39 -6.71
C THR A 47 0.42 -6.49 -7.04
N ARG A 48 1.75 -6.36 -6.60
N ARG A 48 1.68 -6.24 -6.63
CA ARG A 48 2.47 -7.38 -5.85
CA ARG A 48 2.46 -7.23 -5.89
C ARG A 48 1.93 -7.49 -4.41
C ARG A 48 2.07 -7.27 -4.42
N HIS A 49 1.92 -6.36 -3.70
N HIS A 49 1.72 -6.13 -3.85
CA HIS A 49 1.45 -6.36 -2.31
CA HIS A 49 1.25 -6.09 -2.47
C HIS A 49 0.05 -6.96 -2.19
C HIS A 49 -0.06 -6.86 -2.35
N GLU A 50 -0.86 -6.57 -3.09
N GLU A 50 -1.00 -6.60 -3.26
CA GLU A 50 -2.24 -7.06 -3.03
CA GLU A 50 -2.25 -7.34 -3.31
C GLU A 50 -2.32 -8.57 -3.17
C GLU A 50 -2.01 -8.85 -3.33
N GLU A 51 -1.55 -9.13 -4.11
N GLU A 51 -1.00 -9.28 -4.08
CA GLU A 51 -1.55 -10.58 -4.32
CA GLU A 51 -0.73 -10.72 -4.22
C GLU A 51 -0.96 -11.29 -3.12
C GLU A 51 -0.31 -11.33 -2.89
N LEU A 52 0.14 -10.77 -2.58
N LEU A 52 0.60 -10.68 -2.17
CA LEU A 52 0.72 -11.35 -1.38
CA LEU A 52 1.03 -11.20 -0.88
C LEU A 52 -0.28 -11.35 -0.24
C LEU A 52 -0.08 -11.20 0.16
N LEU A 53 -1.00 -10.25 -0.02
N LEU A 53 -0.98 -10.22 0.10
CA LEU A 53 -1.98 -10.18 1.06
CA LEU A 53 -2.05 -10.14 1.09
C LEU A 53 -3.09 -11.19 0.84
C LEU A 53 -3.11 -11.20 0.84
N ASN A 54 -3.46 -11.43 -0.42
CA ASN A 54 -4.52 -12.40 -0.68
C ASN A 54 -4.04 -13.79 -0.32
N ARG A 55 -2.80 -14.10 -0.66
CA ARG A 55 -2.27 -15.42 -0.32
C ARG A 55 -2.21 -15.63 1.19
N ILE A 56 -1.89 -14.59 1.94
CA ILE A 56 -1.83 -14.65 3.39
C ILE A 56 -3.22 -14.87 3.96
N LEU A 57 -4.20 -14.09 3.49
CA LEU A 57 -5.58 -14.28 3.92
C LEU A 57 -6.06 -15.69 3.63
N GLU A 58 -5.85 -16.17 2.40
CA GLU A 58 -6.27 -17.52 2.05
C GLU A 58 -5.61 -18.57 2.94
N LYS A 59 -4.34 -18.37 3.29
CA LYS A 59 -3.62 -19.32 4.13
C LYS A 59 -4.19 -19.30 5.55
N ALA A 60 -4.36 -18.12 6.12
CA ALA A 60 -5.02 -17.97 7.41
C ALA A 60 -6.38 -18.67 7.44
N ARG A 61 -7.18 -18.53 6.37
CA ARG A 61 -8.47 -19.23 6.29
C ARG A 61 -8.27 -20.74 6.31
N ARG A 62 -7.30 -21.24 5.53
CA ARG A 62 -7.08 -22.69 5.48
C ARG A 62 -6.57 -23.23 6.82
N GLU A 63 -5.83 -22.42 7.57
CA GLU A 63 -5.32 -22.77 8.89
C GLU A 63 -6.36 -22.65 10.00
N GLY A 64 -7.54 -22.10 9.69
CA GLY A 64 -8.58 -21.86 10.68
C GLY A 64 -8.27 -20.78 11.69
N ASN A 65 -7.42 -19.82 11.33
CA ASN A 65 -6.96 -18.80 12.27
C ASN A 65 -7.98 -17.67 12.23
N LYS A 66 -9.06 -17.83 12.98
CA LYS A 66 -10.20 -16.91 12.85
C LYS A 66 -9.79 -15.47 13.11
N GLU A 67 -9.03 -15.22 14.17
CA GLU A 67 -8.70 -13.82 14.44
C GLU A 67 -7.90 -13.22 13.29
N ALA A 68 -6.93 -13.96 12.76
CA ALA A 68 -6.14 -13.41 11.67
C ALA A 68 -6.99 -13.21 10.43
N VAL A 69 -7.98 -14.09 10.21
CA VAL A 69 -8.87 -13.91 9.06
C VAL A 69 -9.68 -12.63 9.22
N THR A 70 -10.24 -12.40 10.41
CA THR A 70 -11.01 -11.18 10.66
C THR A 70 -10.19 -9.93 10.38
N LEU A 71 -8.98 -9.89 10.93
CA LEU A 71 -8.13 -8.71 10.76
C LEU A 71 -7.71 -8.56 9.31
N MET A 72 -7.39 -9.66 8.63
CA MET A 72 -6.98 -9.59 7.23
C MET A 72 -8.15 -9.22 6.34
N ASN A 73 -9.38 -9.66 6.65
CA ASN A 73 -10.52 -9.15 5.90
C ASN A 73 -10.67 -7.64 6.05
N GLU A 74 -10.53 -7.11 7.26
CA GLU A 74 -10.61 -5.67 7.43
C GLU A 74 -9.48 -4.98 6.71
N PHE A 75 -8.28 -5.51 6.83
CA PHE A 75 -7.12 -4.86 6.25
C PHE A 75 -7.19 -4.87 4.72
N THR A 76 -7.59 -5.99 4.12
CA THR A 76 -7.70 -6.04 2.65
C THR A 76 -8.78 -5.07 2.15
N ALA A 77 -9.85 -4.90 2.90
CA ALA A 77 -10.87 -3.94 2.53
C ALA A 77 -10.28 -2.54 2.48
N THR A 78 -9.53 -2.15 3.51
N THR A 78 -9.52 -2.16 3.52
CA THR A 78 -8.89 -0.83 3.50
CA THR A 78 -8.92 -0.82 3.57
C THR A 78 -7.89 -0.73 2.35
C THR A 78 -7.76 -0.67 2.59
N PHE A 79 -7.13 -1.79 2.09
N PHE A 79 -7.11 -1.78 2.24
CA PHE A 79 -6.21 -1.79 0.96
CA PHE A 79 -6.13 -1.75 1.16
C PHE A 79 -6.91 -1.42 -0.34
C PHE A 79 -6.78 -1.36 -0.16
N GLN A 80 -8.13 -1.94 -0.54
N GLN A 80 -7.99 -1.90 -0.44
CA GLN A 80 -8.88 -1.63 -1.77
CA GLN A 80 -8.67 -1.60 -1.68
C GLN A 80 -9.28 -0.16 -1.81
C GLN A 80 -9.05 -0.12 -1.77
N THR A 81 -9.49 0.48 -0.66
CA THR A 81 -9.77 1.91 -0.64
C THR A 81 -8.56 2.68 -1.10
N GLY A 82 -7.39 2.33 -0.57
CA GLY A 82 -6.16 3.00 -1.02
C GLY A 82 -5.92 2.77 -2.50
N LYS A 83 -6.16 1.57 -2.98
CA LYS A 83 -5.97 1.27 -4.40
C LYS A 83 -6.92 2.08 -5.27
N SER A 84 -8.18 2.20 -4.88
CA SER A 84 -9.10 3.02 -5.66
C SER A 84 -8.63 4.47 -5.69
N ILE A 85 -8.15 4.99 -4.56
CA ILE A 85 -7.69 6.38 -4.57
C ILE A 85 -6.43 6.51 -5.42
N PHE A 86 -5.54 5.51 -5.35
CA PHE A 86 -4.36 5.53 -6.19
C PHE A 86 -4.75 5.57 -7.65
N ASN A 87 -5.67 4.70 -8.05
CA ASN A 87 -6.06 4.68 -9.45
C ASN A 87 -6.63 6.03 -9.88
N ALA A 88 -7.41 6.67 -9.01
CA ALA A 88 -7.92 8.02 -9.31
C ALA A 88 -6.78 9.03 -9.44
N MET A 89 -5.75 8.88 -8.62
CA MET A 89 -4.59 9.77 -8.71
C MET A 89 -3.90 9.64 -10.06
N VAL A 90 -3.72 8.40 -10.51
CA VAL A 90 -3.14 8.12 -11.81
C VAL A 90 -3.96 8.77 -12.91
N ALA A 91 -5.29 8.69 -12.80
CA ALA A 91 -6.15 9.31 -13.80
C ALA A 91 -5.99 10.82 -13.80
N ALA A 92 -5.89 11.40 -12.59
CA ALA A 92 -5.72 12.85 -12.48
C ALA A 92 -4.43 13.27 -13.12
N PHE A 93 -3.40 12.45 -13.01
CA PHE A 93 -2.13 12.80 -13.63
C PHE A 93 -2.23 12.76 -15.15
N LYS A 94 -2.83 11.70 -15.69
N LYS A 94 -2.87 11.72 -15.68
CA LYS A 94 -3.07 11.59 -17.11
CA LYS A 94 -3.05 11.59 -17.13
C LYS A 94 -3.81 12.81 -17.62
C LYS A 94 -3.89 12.72 -17.69
N ASN A 95 -4.85 13.22 -16.90
CA ASN A 95 -5.70 14.33 -17.33
C ASN A 95 -5.10 15.70 -17.06
N GLY A 96 -3.96 15.79 -16.37
CA GLY A 96 -3.40 17.10 -16.04
C GLY A 96 -4.17 17.87 -14.99
N ASP A 97 -4.89 17.20 -14.09
CA ASP A 97 -5.70 17.83 -13.06
C ASP A 97 -4.88 17.83 -11.78
N ASP A 98 -4.01 18.84 -11.63
CA ASP A 98 -3.15 18.87 -10.46
C ASP A 98 -3.95 19.06 -9.19
N ASP A 99 -5.09 19.74 -9.24
CA ASP A 99 -5.90 19.93 -8.04
C ASP A 99 -6.40 18.58 -7.53
N SER A 100 -6.94 17.76 -8.43
CA SER A 100 -7.36 16.43 -8.03
C SER A 100 -6.17 15.58 -7.59
N PHE A 101 -5.03 15.73 -8.25
CA PHE A 101 -3.87 14.92 -7.86
C PHE A 101 -3.47 15.23 -6.42
N GLU A 102 -3.38 16.51 -6.06
N GLU A 102 -3.37 16.52 -6.07
CA GLU A 102 -3.06 16.90 -4.70
CA GLU A 102 -3.03 16.91 -4.71
C GLU A 102 -4.06 16.32 -3.71
C GLU A 102 -4.02 16.33 -3.70
N SER A 103 -5.35 16.43 -4.02
N SER A 103 -5.32 16.41 -4.02
CA SER A 103 -6.41 15.91 -3.16
CA SER A 103 -6.35 15.91 -3.13
C SER A 103 -6.22 14.43 -2.92
C SER A 103 -6.21 14.41 -2.90
N TYR A 104 -6.19 13.65 -3.99
CA TYR A 104 -6.04 12.20 -3.87
C TYR A 104 -4.75 11.82 -3.16
N LEU A 105 -3.66 12.56 -3.38
CA LEU A 105 -2.41 12.24 -2.73
C LEU A 105 -2.56 12.33 -1.21
N GLN A 106 -3.18 13.41 -0.73
N GLN A 106 -3.16 13.43 -0.73
CA GLN A 106 -3.39 13.59 0.71
CA GLN A 106 -3.39 13.59 0.71
C GLN A 106 -4.34 12.54 1.27
C GLN A 106 -4.31 12.50 1.25
N ALA A 107 -5.37 12.18 0.51
CA ALA A 107 -6.31 11.17 0.97
C ALA A 107 -5.62 9.82 1.08
N LEU A 108 -4.77 9.48 0.10
N LEU A 108 -4.77 9.49 0.11
CA LEU A 108 -4.06 8.21 0.15
CA LEU A 108 -4.03 8.23 0.17
C LEU A 108 -3.12 8.16 1.36
C LEU A 108 -3.08 8.20 1.36
N GLU A 109 -2.53 9.30 1.72
N GLU A 109 -2.55 9.36 1.76
CA GLU A 109 -1.68 9.37 2.90
CA GLU A 109 -1.70 9.41 2.94
C GLU A 109 -2.46 9.10 4.19
C GLU A 109 -2.52 9.15 4.20
N LYS A 110 -3.64 9.70 4.32
N LYS A 110 -3.69 9.77 4.32
CA LYS A 110 -4.44 9.50 5.53
CA LYS A 110 -4.53 9.55 5.50
C LYS A 110 -4.97 8.08 5.62
C LYS A 110 -5.01 8.11 5.58
N VAL A 111 -5.42 7.51 4.50
N VAL A 111 -5.51 7.58 4.47
CA VAL A 111 -5.91 6.13 4.53
CA VAL A 111 -6.01 6.20 4.45
C VAL A 111 -4.80 5.18 4.94
C VAL A 111 -4.89 5.22 4.79
N THR A 112 -3.58 5.41 4.45
N THR A 112 -3.69 5.45 4.25
CA THR A 112 -2.46 4.55 4.78
CA THR A 112 -2.59 4.50 4.44
C THR A 112 -2.07 4.70 6.25
C THR A 112 -2.10 4.50 5.89
N ALA A 113 -2.07 5.94 6.75
N ALA A 113 -2.01 5.67 6.51
CA ALA A 113 -1.74 6.16 8.16
CA ALA A 113 -1.53 5.74 7.88
C ALA A 113 -2.75 5.49 9.08
C ALA A 113 -2.53 5.14 8.87
N LYS A 114 -4.05 5.54 8.72
N LYS A 114 -3.83 5.28 8.59
CA LYS A 114 -5.06 4.92 9.56
CA LYS A 114 -4.85 4.78 9.51
C LYS A 114 -4.86 3.41 9.66
C LYS A 114 -4.94 3.26 9.53
N GLY A 115 -4.53 2.78 8.53
N GLY A 115 -4.22 2.57 8.66
CA GLY A 115 -4.42 1.33 8.49
CA GLY A 115 -4.09 1.13 8.72
C GLY A 115 -3.22 0.72 9.17
C GLY A 115 -2.83 0.63 9.39
N GLU A 116 -2.39 1.53 9.86
N GLU A 116 -2.02 1.55 9.93
CA GLU A 116 -1.13 1.02 10.36
CA GLU A 116 -0.74 1.17 10.52
C GLU A 116 -1.27 0.27 11.68
C GLU A 116 -0.93 0.23 11.70
N THR A 117 -2.14 0.71 12.57
N THR A 117 -1.73 0.64 12.68
CA THR A 117 -2.34 -0.04 13.80
CA THR A 117 -1.90 -0.17 13.88
C THR A 117 -2.86 -1.45 13.51
C THR A 117 -2.55 -1.52 13.56
N LEU A 118 -3.75 -1.57 12.51
N LEU A 118 -3.56 -1.52 12.70
CA LEU A 118 -4.22 -2.88 12.07
CA LEU A 118 -4.19 -2.79 12.30
C LEU A 118 -3.09 -3.72 11.44
C LEU A 118 -3.17 -3.70 11.62
N ALA A 119 -2.26 -3.07 10.61
N ALA A 119 -2.35 -3.16 10.73
CA ALA A 119 -1.15 -3.77 9.98
CA ALA A 119 -1.29 -3.95 10.10
C ALA A 119 -0.25 -4.43 11.02
C ALA A 119 -0.36 -4.56 11.14
N ASP A 120 0.03 -3.71 12.11
N ASP A 120 -0.15 -3.86 12.26
CA ASP A 120 0.87 -4.29 13.15
CA ASP A 120 0.68 -4.40 13.32
C ASP A 120 0.13 -5.39 13.91
C ASP A 120 -0.06 -5.40 14.19
N GLN A 121 -1.18 -5.21 14.14
N GLN A 121 -1.39 -5.28 14.29
CA GLN A 121 -1.98 -6.26 14.77
CA GLN A 121 -2.18 -6.31 14.96
C GLN A 121 -1.87 -7.58 14.00
C GLN A 121 -2.12 -7.64 14.22
N ILE A 122 -1.93 -7.52 12.68
N ILE A 122 -2.03 -7.58 12.89
CA ILE A 122 -1.92 -8.74 11.88
CA ILE A 122 -2.00 -8.79 12.09
C ILE A 122 -0.61 -9.50 12.09
C ILE A 122 -0.70 -9.54 12.29
N ALA A 123 0.51 -8.79 12.15
N ALA A 123 0.43 -8.83 12.18
CA ALA A 123 1.78 -9.47 12.37
CA ALA A 123 1.73 -9.47 12.35
C ALA A 123 1.73 -10.32 13.62
C ALA A 123 1.78 -10.28 13.64
N LYS A 124 1.13 -9.79 14.70
CA LYS A 124 1.10 -10.51 15.95
C LYS A 124 0.13 -11.67 15.91
N ALA A 125 -0.88 -11.58 15.05
CA ALA A 125 -1.97 -12.54 15.06
C ALA A 125 -1.67 -13.80 14.25
N LEU A 126 -0.75 -13.74 13.30
CA LEU A 126 -0.57 -14.82 12.34
C LEU A 126 0.15 -16.01 12.93
#